data_5MK9
#
_entry.id   5MK9
#
_cell.length_a   52.137
_cell.length_b   74.895
_cell.length_c   90.075
_cell.angle_alpha   90.00
_cell.angle_beta   90.00
_cell.angle_gamma   90.00
#
_symmetry.space_group_name_H-M   'P 21 21 21'
#
loop_
_entity.id
_entity.type
_entity.pdbx_description
1 polymer MalE1
2 branched Cycloheptakis-(1-4)-(alpha-D-glucopyranose)
3 non-polymer 'CHLORIDE ION'
4 water water
#
_entity_poly.entity_id   1
_entity_poly.type   'polypeptide(L)'
_entity_poly.pdbx_seq_one_letter_code
;GSHMKNVSGSVKLWVDTTQVPYYKKIVANFNKKYPDVKVKVTQSPNGSANAKTDVGKDPAKAADVFEVANDQLGSMAEAG
YINPLSPDATKAVKNNNVAVASEGVTWKGKMFAYPFAEQAQTIYYNKSKLTADDVKTWDGLTAKGVLATDFTNAYNFYPV
FLSAGTQLYGKTGETVKGTDVNSAKGEQAMAWFAQQKSNKGVMQTSNALNQLKSGKAAAILDGPWNSANIKKILGKNFAV
APYPTIKLDGKDVQMQAFLGIETFAVNSHASGSNQKAAATLASFITNKESQLIVYDHSGQIPVDKTAQKSSKVASDPVAG
AVMTMAKPGNSTLMPKMPQMATFWNDAAPLINGAYTGSIPASQYSTKLDTFVKNISKAN
;
_entity_poly.pdbx_strand_id   A
#
# COMPACT_ATOMS: atom_id res chain seq x y z
N GLY A 1 23.53 -4.63 -31.73
CA GLY A 1 23.49 -5.81 -30.89
C GLY A 1 23.07 -7.04 -31.67
N SER A 2 23.74 -8.16 -31.43
N SER A 2 23.73 -8.16 -31.40
CA SER A 2 23.46 -9.36 -32.22
CA SER A 2 23.46 -9.40 -32.11
C SER A 2 22.05 -9.86 -31.93
C SER A 2 21.99 -9.80 -31.95
N HIS A 3 21.52 -10.64 -32.88
CA HIS A 3 20.17 -11.15 -32.81
C HIS A 3 19.97 -11.97 -31.54
N MET A 4 18.86 -11.72 -30.85
CA MET A 4 18.43 -12.51 -29.71
C MET A 4 17.19 -13.31 -30.09
N LYS A 5 16.99 -14.44 -29.41
CA LYS A 5 15.86 -15.29 -29.75
C LYS A 5 14.55 -14.50 -29.64
N ASN A 6 13.68 -14.70 -30.63
CA ASN A 6 12.36 -14.09 -30.61
C ASN A 6 11.63 -14.51 -29.34
N VAL A 7 10.89 -13.56 -28.75
CA VAL A 7 10.08 -13.84 -27.57
C VAL A 7 8.64 -14.06 -28.02
N SER A 8 8.07 -15.19 -27.63
CA SER A 8 6.71 -15.51 -28.02
C SER A 8 6.04 -16.31 -26.92
N GLY A 9 4.73 -16.34 -26.97
CA GLY A 9 3.97 -17.18 -26.10
C GLY A 9 2.58 -16.62 -25.91
N SER A 10 1.94 -17.13 -24.89
CA SER A 10 0.60 -16.71 -24.53
C SER A 10 0.56 -16.60 -23.02
N VAL A 11 0.21 -15.42 -22.50
CA VAL A 11 0.26 -15.18 -21.06
C VAL A 11 -1.01 -14.49 -20.60
N LYS A 12 -1.35 -14.75 -19.35
CA LYS A 12 -2.46 -14.10 -18.69
C LYS A 12 -1.91 -13.11 -17.68
N LEU A 13 -2.53 -11.93 -17.61
CA LEU A 13 -2.16 -10.85 -16.70
C LEU A 13 -3.35 -10.56 -15.79
N TRP A 14 -3.11 -10.62 -14.47
CA TRP A 14 -4.08 -10.23 -13.45
C TRP A 14 -3.77 -8.84 -12.93
N VAL A 15 -4.78 -7.98 -12.98
CA VAL A 15 -4.72 -6.64 -12.41
C VAL A 15 -5.94 -6.42 -11.52
N ASP A 16 -5.90 -5.35 -10.74
CA ASP A 16 -7.01 -5.07 -9.84
C ASP A 16 -8.24 -4.54 -10.59
N THR A 17 -9.39 -4.70 -9.95
CA THR A 17 -10.62 -4.18 -10.50
C THR A 17 -10.47 -2.69 -10.78
N THR A 18 -10.98 -2.28 -11.94
CA THR A 18 -10.96 -0.96 -12.55
C THR A 18 -9.68 -0.71 -13.34
N GLN A 19 -8.67 -1.55 -13.23
CA GLN A 19 -7.41 -1.29 -13.92
C GLN A 19 -7.33 -1.92 -15.30
N VAL A 20 -8.22 -2.88 -15.64
CA VAL A 20 -8.10 -3.58 -16.92
C VAL A 20 -8.07 -2.64 -18.11
N PRO A 21 -8.93 -1.62 -18.20
CA PRO A 21 -8.96 -0.87 -19.47
C PRO A 21 -7.63 -0.25 -19.83
N TYR A 22 -6.93 0.36 -18.89
CA TYR A 22 -5.65 0.98 -19.25
C TYR A 22 -4.50 0.00 -19.29
N TYR A 23 -4.59 -1.15 -18.60
CA TYR A 23 -3.60 -2.18 -18.88
C TYR A 23 -3.78 -2.76 -20.27
N LYS A 24 -4.99 -2.79 -20.82
CA LYS A 24 -5.13 -3.21 -22.23
C LYS A 24 -4.40 -2.23 -23.15
N LYS A 25 -4.42 -0.94 -22.84
CA LYS A 25 -3.67 0.04 -23.62
C LYS A 25 -2.17 -0.18 -23.49
N ILE A 26 -1.70 -0.43 -22.27
CA ILE A 26 -0.29 -0.74 -22.05
C ILE A 26 0.11 -1.99 -22.83
N VAL A 27 -0.76 -3.01 -22.82
CA VAL A 27 -0.48 -4.24 -23.56
C VAL A 27 -0.40 -3.98 -25.06
N ALA A 28 -1.21 -3.06 -25.58
CA ALA A 28 -1.07 -2.70 -26.99
C ALA A 28 0.30 -2.11 -27.26
N ASN A 29 0.83 -1.28 -26.36
CA ASN A 29 2.19 -0.78 -26.50
C ASN A 29 3.21 -1.90 -26.43
N PHE A 30 3.01 -2.82 -25.50
CA PHE A 30 3.88 -3.99 -25.37
C PHE A 30 3.94 -4.76 -26.69
N ASN A 31 2.78 -4.98 -27.31
CA ASN A 31 2.71 -5.77 -28.54
C ASN A 31 3.30 -5.05 -29.75
N LYS A 32 3.50 -3.74 -29.70
CA LYS A 32 4.29 -3.08 -30.75
C LYS A 32 5.71 -3.61 -30.74
N LYS A 33 6.24 -3.91 -29.56
CA LYS A 33 7.60 -4.40 -29.42
C LYS A 33 7.67 -5.93 -29.49
N TYR A 34 6.67 -6.60 -28.92
CA TYR A 34 6.63 -8.05 -28.80
C TYR A 34 5.31 -8.55 -29.38
N PRO A 35 5.18 -8.55 -30.71
CA PRO A 35 3.89 -8.91 -31.32
C PRO A 35 3.50 -10.36 -31.16
N ASP A 36 4.46 -11.25 -30.84
CA ASP A 36 4.21 -12.68 -30.78
C ASP A 36 3.86 -13.16 -29.38
N VAL A 37 3.70 -12.25 -28.42
CA VAL A 37 3.24 -12.60 -27.09
C VAL A 37 1.77 -12.20 -26.98
N LYS A 38 0.91 -13.19 -26.97
CA LYS A 38 -0.52 -12.96 -26.82
C LYS A 38 -0.82 -12.79 -25.34
N VAL A 39 -1.48 -11.69 -24.98
CA VAL A 39 -1.77 -11.37 -23.58
C VAL A 39 -3.28 -11.31 -23.41
N LYS A 40 -3.78 -11.96 -22.37
CA LYS A 40 -5.15 -11.82 -21.92
C LYS A 40 -5.13 -11.11 -20.57
N VAL A 41 -5.78 -9.96 -20.47
CA VAL A 41 -5.83 -9.17 -19.24
C VAL A 41 -7.19 -9.39 -18.58
N THR A 42 -7.18 -9.83 -17.31
CA THR A 42 -8.42 -9.89 -16.54
C THR A 42 -8.17 -9.30 -15.17
N GLN A 43 -9.26 -9.07 -14.43
N GLN A 43 -9.26 -9.06 -14.45
CA GLN A 43 -9.07 -8.77 -13.02
CA GLN A 43 -9.12 -8.83 -13.02
C GLN A 43 -8.77 -10.06 -12.26
C GLN A 43 -8.63 -10.11 -12.36
N SER A 44 -7.95 -9.95 -11.23
CA SER A 44 -7.73 -11.09 -10.36
C SER A 44 -8.98 -11.36 -9.53
N PRO A 45 -9.07 -12.56 -8.96
CA PRO A 45 -10.26 -12.86 -8.15
C PRO A 45 -10.48 -11.88 -7.01
N ASN A 46 -9.43 -11.48 -6.30
CA ASN A 46 -9.62 -10.69 -5.08
C ASN A 46 -8.64 -9.54 -4.93
N GLY A 47 -7.86 -9.23 -5.96
CA GLY A 47 -7.01 -8.06 -5.95
C GLY A 47 -5.60 -8.33 -5.44
N SER A 48 -4.74 -7.35 -5.69
CA SER A 48 -3.35 -7.37 -5.29
C SER A 48 -3.16 -7.52 -3.79
N ALA A 49 -4.12 -7.06 -2.98
CA ALA A 49 -4.04 -7.21 -1.52
C ALA A 49 -4.34 -8.64 -1.07
N ASN A 50 -4.68 -9.51 -2.02
N ASN A 50 -4.74 -9.50 -2.03
CA ASN A 50 -5.03 -10.91 -1.76
CA ASN A 50 -5.10 -10.90 -1.80
C ASN A 50 -4.28 -11.85 -2.69
C ASN A 50 -4.28 -11.85 -2.67
N ALA A 51 -3.19 -11.39 -3.29
CA ALA A 51 -2.53 -12.19 -4.32
C ALA A 51 -2.01 -13.51 -3.80
N LYS A 52 -1.42 -13.52 -2.62
CA LYS A 52 -0.84 -14.77 -2.19
C LYS A 52 -1.89 -15.84 -2.02
N THR A 53 -3.11 -15.45 -1.61
CA THR A 53 -4.24 -16.38 -1.51
C THR A 53 -4.75 -16.79 -2.88
N ASP A 54 -4.97 -15.82 -3.76
CA ASP A 54 -5.48 -16.13 -5.10
C ASP A 54 -4.53 -17.07 -5.84
N VAL A 55 -3.22 -16.82 -5.75
CA VAL A 55 -2.25 -17.67 -6.43
C VAL A 55 -2.12 -19.02 -5.72
N GLY A 56 -1.97 -18.97 -4.40
CA GLY A 56 -1.70 -20.17 -3.64
C GLY A 56 -2.83 -21.19 -3.68
N LYS A 57 -4.08 -20.73 -3.85
CA LYS A 57 -5.20 -21.67 -3.94
C LYS A 57 -5.03 -22.65 -5.10
N ASP A 58 -4.36 -22.23 -6.18
CA ASP A 58 -4.15 -23.10 -7.32
C ASP A 58 -3.08 -22.47 -8.21
N PRO A 59 -1.81 -22.69 -7.89
CA PRO A 59 -0.78 -21.91 -8.61
C PRO A 59 -0.76 -22.15 -10.10
N ALA A 60 -0.95 -23.38 -10.58
CA ALA A 60 -0.90 -23.65 -12.00
C ALA A 60 -2.05 -23.03 -12.78
N LYS A 61 -3.14 -22.64 -12.12
CA LYS A 61 -4.23 -21.97 -12.81
C LYS A 61 -4.16 -20.45 -12.65
N ALA A 62 -3.28 -19.95 -11.80
CA ALA A 62 -3.20 -18.51 -11.63
C ALA A 62 -2.55 -17.87 -12.86
N ALA A 63 -2.77 -16.57 -13.00
CA ALA A 63 -2.16 -15.84 -14.10
C ALA A 63 -0.64 -15.99 -14.11
N ASP A 64 -0.06 -15.85 -15.30
CA ASP A 64 1.40 -15.87 -15.45
C ASP A 64 2.04 -14.67 -14.78
N VAL A 65 1.38 -13.50 -14.85
CA VAL A 65 1.87 -12.26 -14.26
C VAL A 65 0.71 -11.69 -13.44
N PHE A 66 0.98 -11.27 -12.21
CA PHE A 66 -0.10 -10.85 -11.32
C PHE A 66 0.36 -9.69 -10.46
N GLU A 67 -0.58 -8.80 -10.17
CA GLU A 67 -0.33 -7.66 -9.31
C GLU A 67 -0.30 -8.13 -7.85
N VAL A 68 0.65 -7.61 -7.06
CA VAL A 68 0.81 -8.07 -5.69
C VAL A 68 1.48 -6.97 -4.87
N ALA A 69 0.91 -6.71 -3.69
CA ALA A 69 1.49 -5.76 -2.75
C ALA A 69 2.77 -6.32 -2.14
N ASN A 70 3.72 -5.43 -1.82
CA ASN A 70 5.06 -5.89 -1.48
C ASN A 70 5.13 -6.69 -0.19
N ASP A 71 4.20 -6.48 0.74
CA ASP A 71 4.26 -7.20 2.01
C ASP A 71 4.14 -8.71 1.83
N GLN A 72 3.55 -9.17 0.73
N GLN A 72 3.53 -9.18 0.73
CA GLN A 72 3.27 -10.59 0.51
CA GLN A 72 3.28 -10.60 0.53
C GLN A 72 4.49 -11.33 -0.06
C GLN A 72 4.49 -11.33 -0.06
N LEU A 73 5.55 -10.61 -0.43
CA LEU A 73 6.59 -11.22 -1.25
C LEU A 73 7.46 -12.21 -0.49
N GLY A 74 7.79 -11.98 0.79
CA GLY A 74 8.58 -12.96 1.51
C GLY A 74 7.88 -14.29 1.65
N SER A 75 6.59 -14.24 1.98
CA SER A 75 5.82 -15.48 2.05
C SER A 75 5.81 -16.22 0.72
N MET A 76 5.54 -15.50 -0.37
CA MET A 76 5.43 -16.14 -1.67
C MET A 76 6.79 -16.67 -2.15
N ALA A 77 7.86 -15.94 -1.85
CA ALA A 77 9.21 -16.39 -2.19
C ALA A 77 9.53 -17.67 -1.44
N GLU A 78 9.28 -17.68 -0.13
CA GLU A 78 9.59 -18.86 0.66
C GLU A 78 8.77 -20.06 0.23
N ALA A 79 7.53 -19.84 -0.21
CA ALA A 79 6.68 -20.93 -0.66
C ALA A 79 7.04 -21.42 -2.05
N GLY A 80 7.91 -20.72 -2.75
CA GLY A 80 8.28 -21.12 -4.10
C GLY A 80 7.29 -20.73 -5.16
N TYR A 81 6.45 -19.72 -4.91
CA TYR A 81 5.49 -19.26 -5.90
C TYR A 81 6.06 -18.23 -6.86
N ILE A 82 7.18 -17.60 -6.50
N ILE A 82 7.19 -17.64 -6.50
CA ILE A 82 7.84 -16.57 -7.31
CA ILE A 82 7.89 -16.65 -7.29
C ILE A 82 9.35 -16.81 -7.19
C ILE A 82 9.37 -17.00 -7.23
N ASN A 83 10.05 -16.73 -8.32
CA ASN A 83 11.50 -16.88 -8.42
C ASN A 83 12.21 -15.53 -8.38
N PRO A 84 13.50 -15.51 -8.06
N PRO A 84 13.50 -15.51 -8.06
CA PRO A 84 14.25 -14.26 -8.16
CA PRO A 84 14.25 -14.25 -8.15
C PRO A 84 14.27 -13.74 -9.59
C PRO A 84 14.31 -13.75 -9.58
N LEU A 85 14.30 -12.42 -9.71
CA LEU A 85 14.55 -11.79 -11.01
C LEU A 85 15.96 -12.12 -11.46
N SER A 86 16.18 -12.11 -12.77
CA SER A 86 17.51 -12.31 -13.30
C SER A 86 18.44 -11.18 -12.87
N PRO A 87 19.75 -11.38 -12.99
CA PRO A 87 20.68 -10.27 -12.68
C PRO A 87 20.42 -9.04 -13.52
N ASP A 88 20.19 -9.20 -14.81
CA ASP A 88 19.94 -8.05 -15.68
C ASP A 88 18.64 -7.36 -15.30
N ALA A 89 17.60 -8.12 -15.02
CA ALA A 89 16.32 -7.50 -14.65
C ALA A 89 16.45 -6.72 -13.35
N THR A 90 17.17 -7.31 -12.39
CA THR A 90 17.42 -6.65 -11.11
C THR A 90 18.16 -5.34 -11.32
N LYS A 91 19.22 -5.37 -12.12
CA LYS A 91 20.03 -4.18 -12.34
C LYS A 91 19.17 -3.04 -12.90
N ALA A 92 18.29 -3.36 -13.84
CA ALA A 92 17.43 -2.36 -14.44
C ALA A 92 16.42 -1.80 -13.44
N VAL A 93 15.77 -2.69 -12.67
CA VAL A 93 14.82 -2.18 -11.68
C VAL A 93 15.52 -1.22 -10.74
N LYS A 94 16.69 -1.61 -10.24
N LYS A 94 16.71 -1.60 -10.29
CA LYS A 94 17.38 -0.77 -9.27
CA LYS A 94 17.43 -0.83 -9.27
C LYS A 94 17.76 0.57 -9.87
C LYS A 94 17.92 0.50 -9.80
N ASN A 95 18.32 0.54 -11.08
CA ASN A 95 18.77 1.79 -11.68
C ASN A 95 17.62 2.73 -11.97
N ASN A 96 16.46 2.20 -12.39
CA ASN A 96 15.44 3.04 -12.95
C ASN A 96 14.45 3.58 -11.93
N ASN A 97 14.34 2.95 -10.77
CA ASN A 97 13.30 3.25 -9.80
C ASN A 97 13.88 3.75 -8.49
N VAL A 98 13.06 4.43 -7.69
CA VAL A 98 13.53 4.94 -6.42
C VAL A 98 13.96 3.81 -5.51
N ALA A 99 14.86 4.13 -4.58
CA ALA A 99 15.48 3.12 -3.73
C ALA A 99 14.45 2.31 -2.94
N VAL A 100 13.40 2.96 -2.43
CA VAL A 100 12.46 2.23 -1.59
C VAL A 100 11.64 1.23 -2.39
N ALA A 101 11.49 1.47 -3.69
CA ALA A 101 10.81 0.50 -4.55
C ALA A 101 11.64 -0.79 -4.68
N SER A 102 12.96 -0.63 -4.84
CA SER A 102 13.84 -1.79 -4.86
C SER A 102 13.85 -2.49 -3.51
N GLU A 103 13.93 -1.73 -2.41
CA GLU A 103 13.87 -2.35 -1.08
C GLU A 103 12.57 -3.13 -0.93
N GLY A 104 11.47 -2.55 -1.40
CA GLY A 104 10.18 -3.17 -1.27
C GLY A 104 10.06 -4.53 -1.91
N VAL A 105 10.81 -4.79 -2.99
CA VAL A 105 10.73 -6.06 -3.71
C VAL A 105 11.87 -7.02 -3.38
N THR A 106 12.76 -6.64 -2.46
CA THR A 106 13.96 -7.44 -2.15
C THR A 106 13.75 -8.24 -0.87
N TRP A 107 14.00 -9.53 -0.98
CA TRP A 107 13.90 -10.50 0.11
C TRP A 107 15.21 -11.28 0.15
N LYS A 108 15.87 -11.30 1.31
CA LYS A 108 17.17 -11.98 1.42
C LYS A 108 18.13 -11.50 0.33
N GLY A 109 18.06 -10.20 0.00
CA GLY A 109 19.00 -9.61 -0.93
C GLY A 109 18.72 -9.83 -2.39
N LYS A 110 17.68 -10.58 -2.74
CA LYS A 110 17.29 -10.81 -4.13
C LYS A 110 15.93 -10.18 -4.40
N MET A 111 15.74 -9.67 -5.62
N MET A 111 15.72 -9.82 -5.66
CA MET A 111 14.44 -9.14 -5.99
CA MET A 111 14.49 -9.16 -6.09
C MET A 111 13.51 -10.25 -6.44
C MET A 111 13.48 -10.21 -6.57
N PHE A 112 12.23 -10.12 -6.09
CA PHE A 112 11.20 -11.10 -6.42
C PHE A 112 10.00 -10.55 -7.16
N ALA A 113 9.99 -9.25 -7.49
CA ALA A 113 8.90 -8.67 -8.25
C ALA A 113 9.39 -7.40 -8.91
N TYR A 114 8.53 -6.88 -9.80
CA TYR A 114 8.79 -5.72 -10.62
C TYR A 114 7.94 -4.57 -10.07
N PRO A 115 8.55 -3.62 -9.36
CA PRO A 115 7.75 -2.57 -8.73
C PRO A 115 7.29 -1.54 -9.75
N PHE A 116 6.14 -0.90 -9.46
CA PHE A 116 5.67 0.14 -10.38
C PHE A 116 4.99 1.33 -9.74
N ALA A 117 4.48 1.25 -8.51
CA ALA A 117 3.80 2.39 -7.91
C ALA A 117 4.09 2.43 -6.42
N GLU A 118 4.11 3.63 -5.89
CA GLU A 118 4.34 3.92 -4.48
C GLU A 118 3.02 4.32 -3.85
N GLN A 119 2.66 3.70 -2.73
CA GLN A 119 1.37 3.92 -2.08
C GLN A 119 1.58 4.34 -0.64
N ALA A 120 1.17 5.55 -0.29
CA ALA A 120 1.12 6.00 1.09
C ALA A 120 -0.16 6.79 1.22
N GLN A 121 -0.97 6.47 2.24
CA GLN A 121 -2.23 7.16 2.40
C GLN A 121 -2.03 8.61 2.80
N THR A 122 -3.06 9.40 2.48
CA THR A 122 -3.14 10.83 2.71
C THR A 122 -4.55 11.16 3.20
N ILE A 123 -4.71 12.42 3.66
CA ILE A 123 -6.04 12.94 3.97
C ILE A 123 -6.64 13.50 2.68
N TYR A 124 -7.86 13.10 2.36
CA TYR A 124 -8.66 13.74 1.32
C TYR A 124 -9.79 14.47 2.03
N TYR A 125 -10.02 15.73 1.66
CA TYR A 125 -10.99 16.51 2.40
C TYR A 125 -11.72 17.48 1.50
N ASN A 126 -12.90 17.87 1.98
CA ASN A 126 -13.76 18.86 1.35
C ASN A 126 -13.33 20.24 1.81
N LYS A 127 -12.73 21.03 0.92
N LYS A 127 -12.72 21.03 0.93
CA LYS A 127 -12.15 22.30 1.32
CA LYS A 127 -12.15 22.31 1.33
C LYS A 127 -13.19 23.40 1.54
C LYS A 127 -13.19 23.41 1.52
N SER A 128 -14.47 23.12 1.33
CA SER A 128 -15.53 24.02 1.79
C SER A 128 -15.92 23.76 3.25
N LYS A 129 -15.40 22.68 3.84
CA LYS A 129 -15.66 22.30 5.22
C LYS A 129 -14.44 22.43 6.12
N LEU A 130 -13.26 22.15 5.58
CA LEU A 130 -12.01 22.17 6.32
C LEU A 130 -10.96 22.87 5.46
N THR A 131 -10.11 23.67 6.10
CA THR A 131 -8.99 24.30 5.39
C THR A 131 -7.72 23.49 5.52
N ALA A 132 -6.72 23.90 4.73
CA ALA A 132 -5.39 23.31 4.81
C ALA A 132 -4.82 23.43 6.23
N ASP A 133 -5.10 24.53 6.93
N ASP A 133 -5.09 24.55 6.92
CA ASP A 133 -4.59 24.64 8.29
CA ASP A 133 -4.65 24.70 8.30
C ASP A 133 -5.37 23.72 9.24
C ASP A 133 -5.37 23.74 9.23
N ASP A 134 -6.68 23.59 9.02
CA ASP A 134 -7.48 22.73 9.90
C ASP A 134 -7.00 21.29 9.90
N VAL A 135 -6.50 20.80 8.75
CA VAL A 135 -6.11 19.40 8.64
C VAL A 135 -4.70 19.10 9.13
N LYS A 136 -4.02 20.09 9.73
N LYS A 136 -4.01 20.09 9.72
CA LYS A 136 -2.64 19.87 10.19
CA LYS A 136 -2.64 19.87 10.20
C LYS A 136 -2.57 18.96 11.43
C LYS A 136 -2.55 18.99 11.43
N THR A 137 -3.59 18.97 12.27
CA THR A 137 -3.59 18.18 13.50
C THR A 137 -4.86 17.35 13.57
N TRP A 138 -4.76 16.15 14.13
CA TRP A 138 -5.92 15.27 14.22
C TRP A 138 -6.99 15.88 15.11
N ASP A 139 -6.62 16.36 16.29
N ASP A 139 -6.60 16.37 16.28
CA ASP A 139 -7.62 16.89 17.19
CA ASP A 139 -7.59 16.93 17.21
C ASP A 139 -8.26 18.14 16.60
C ASP A 139 -8.24 18.17 16.63
N GLY A 140 -7.47 18.99 15.94
CA GLY A 140 -8.02 20.21 15.37
C GLY A 140 -8.96 19.93 14.20
N LEU A 141 -8.63 18.94 13.37
CA LEU A 141 -9.47 18.57 12.24
C LEU A 141 -10.79 18.01 12.75
N THR A 142 -10.70 17.03 13.65
CA THR A 142 -11.89 16.33 14.12
C THR A 142 -12.77 17.19 15.02
N ALA A 143 -12.23 18.29 15.58
CA ALA A 143 -13.06 19.25 16.30
C ALA A 143 -13.91 20.10 15.36
N LYS A 144 -13.58 20.09 14.08
CA LYS A 144 -14.21 20.96 13.08
C LYS A 144 -15.09 20.23 12.08
N GLY A 145 -14.80 18.97 11.78
CA GLY A 145 -15.60 18.22 10.85
C GLY A 145 -15.36 16.73 11.05
N VAL A 146 -16.18 15.93 10.41
CA VAL A 146 -16.16 14.48 10.60
C VAL A 146 -15.19 13.82 9.64
N LEU A 147 -14.31 13.00 10.22
N LEU A 147 -14.30 13.03 10.21
CA LEU A 147 -13.39 12.13 9.51
CA LEU A 147 -13.41 12.15 9.48
C LEU A 147 -13.93 10.71 9.57
C LEU A 147 -13.99 10.74 9.56
N ALA A 148 -14.25 10.13 8.40
CA ALA A 148 -14.81 8.79 8.32
C ALA A 148 -13.70 7.79 8.00
N THR A 149 -13.64 6.69 8.74
CA THR A 149 -12.55 5.73 8.61
C THR A 149 -12.96 4.40 9.17
N ASP A 150 -12.04 3.44 9.12
CA ASP A 150 -12.31 2.05 9.48
C ASP A 150 -11.23 1.54 10.43
N PHE A 151 -11.59 1.39 11.69
CA PHE A 151 -10.67 0.87 12.70
C PHE A 151 -10.54 -0.65 12.66
N THR A 152 -11.30 -1.34 11.79
CA THR A 152 -11.11 -2.76 11.59
C THR A 152 -10.05 -3.07 10.56
N ASN A 153 -9.49 -2.04 9.91
CA ASN A 153 -8.47 -2.21 8.89
C ASN A 153 -7.12 -1.83 9.50
N ALA A 154 -6.29 -2.84 9.74
CA ALA A 154 -4.99 -2.61 10.38
C ALA A 154 -4.04 -1.83 9.48
N TYR A 155 -4.22 -1.88 8.16
CA TYR A 155 -3.43 -1.05 7.28
C TYR A 155 -3.66 0.43 7.55
N ASN A 156 -4.87 0.80 7.97
CA ASN A 156 -5.12 2.21 8.31
C ASN A 156 -4.38 2.63 9.57
N PHE A 157 -4.45 1.83 10.64
CA PHE A 157 -4.12 2.33 11.96
C PHE A 157 -2.91 1.71 12.65
N TYR A 158 -2.40 0.55 12.20
CA TYR A 158 -1.21 0.04 12.85
C TYR A 158 -0.09 1.08 12.87
N PRO A 159 0.09 1.92 11.83
CA PRO A 159 1.20 2.86 11.87
C PRO A 159 1.18 3.86 13.03
N VAL A 160 0.06 4.03 13.74
CA VAL A 160 0.11 4.83 14.97
C VAL A 160 1.12 4.24 15.96
N PHE A 161 1.27 2.90 15.99
CA PHE A 161 2.30 2.30 16.83
C PHE A 161 3.70 2.76 16.44
N LEU A 162 3.92 3.02 15.16
CA LEU A 162 5.21 3.48 14.67
C LEU A 162 5.41 4.96 15.03
N SER A 163 4.35 5.78 14.92
CA SER A 163 4.42 7.14 15.47
C SER A 163 4.77 7.14 16.96
N ALA A 164 4.27 6.15 17.69
CA ALA A 164 4.54 6.02 19.13
C ALA A 164 5.97 5.62 19.43
N GLY A 165 6.75 5.26 18.43
CA GLY A 165 8.15 4.93 18.63
C GLY A 165 8.49 3.46 18.71
N THR A 166 7.58 2.58 18.34
CA THR A 166 7.84 1.15 18.30
C THR A 166 8.31 0.76 16.90
N GLN A 167 8.86 -0.45 16.80
CA GLN A 167 9.32 -1.03 15.54
C GLN A 167 8.48 -2.26 15.22
N LEU A 168 8.35 -2.53 13.92
CA LEU A 168 7.63 -3.67 13.39
C LEU A 168 8.67 -4.58 12.70
N TYR A 169 8.95 -5.72 13.31
CA TYR A 169 9.98 -6.64 12.82
C TYR A 169 11.34 -5.93 12.75
N GLY A 170 11.61 -5.09 13.75
CA GLY A 170 12.93 -4.58 13.96
C GLY A 170 13.29 -3.44 13.04
N LYS A 171 14.60 -3.19 12.99
CA LYS A 171 15.12 -1.96 12.43
C LYS A 171 14.85 -1.80 10.94
N THR A 172 14.81 -2.89 10.18
CA THR A 172 14.51 -2.79 8.76
C THR A 172 13.42 -3.77 8.37
N GLY A 173 12.60 -4.17 9.32
CA GLY A 173 11.50 -5.06 9.03
C GLY A 173 11.91 -6.47 8.70
N GLU A 174 13.10 -6.89 9.12
CA GLU A 174 13.63 -8.21 8.79
C GLU A 174 13.94 -9.05 10.01
N THR A 175 13.53 -8.62 11.21
CA THR A 175 13.91 -9.27 12.46
C THR A 175 12.68 -9.95 13.04
N VAL A 176 12.68 -11.29 13.05
CA VAL A 176 11.50 -12.07 13.48
C VAL A 176 11.02 -11.63 14.86
N LYS A 177 11.94 -11.44 15.81
CA LYS A 177 11.62 -11.06 17.18
C LYS A 177 11.77 -9.56 17.43
N GLY A 178 11.63 -8.74 16.40
CA GLY A 178 11.93 -7.33 16.52
C GLY A 178 10.75 -6.41 16.72
N THR A 179 9.54 -6.92 16.85
CA THR A 179 8.39 -6.07 17.14
C THR A 179 8.33 -5.82 18.63
N ASP A 180 8.39 -4.54 19.04
CA ASP A 180 8.52 -4.17 20.45
C ASP A 180 7.34 -3.35 20.96
N VAL A 181 6.14 -3.64 20.44
CA VAL A 181 4.95 -2.91 20.85
C VAL A 181 4.44 -3.31 22.23
N ASN A 182 5.00 -4.38 22.79
CA ASN A 182 4.68 -4.81 24.14
C ASN A 182 5.49 -3.95 25.11
N SER A 183 5.07 -2.70 25.21
CA SER A 183 5.82 -1.67 25.93
C SER A 183 4.88 -0.53 26.26
N ALA A 184 5.36 0.39 27.10
CA ALA A 184 4.59 1.58 27.43
C ALA A 184 4.27 2.40 26.18
N LYS A 185 5.19 2.45 25.20
N LYS A 185 5.18 2.44 25.20
CA LYS A 185 4.90 3.16 23.96
CA LYS A 185 4.90 3.16 23.96
C LYS A 185 3.75 2.51 23.20
C LYS A 185 3.75 2.51 23.20
N GLY A 186 3.72 1.18 23.14
CA GLY A 186 2.58 0.51 22.54
C GLY A 186 1.28 0.82 23.24
N GLU A 187 1.32 0.91 24.57
CA GLU A 187 0.12 1.25 25.32
C GLU A 187 -0.38 2.64 24.96
N GLN A 188 0.53 3.58 24.70
N GLN A 188 0.52 3.58 24.67
CA GLN A 188 0.16 4.93 24.26
CA GLN A 188 0.06 4.92 24.30
C GLN A 188 -0.70 4.86 23.00
C GLN A 188 -0.68 4.92 22.97
N ALA A 189 -0.28 4.06 22.03
CA ALA A 189 -1.02 3.93 20.79
C ALA A 189 -2.40 3.31 21.04
N MET A 190 -2.46 2.26 21.86
CA MET A 190 -3.75 1.66 22.20
C MET A 190 -4.70 2.69 22.80
N ALA A 191 -4.19 3.54 23.71
CA ALA A 191 -5.02 4.57 24.31
C ALA A 191 -5.48 5.59 23.27
N TRP A 192 -4.62 5.90 22.28
CA TRP A 192 -5.03 6.83 21.22
C TRP A 192 -6.19 6.26 20.44
N PHE A 193 -6.14 4.97 20.08
CA PHE A 193 -7.27 4.38 19.37
C PHE A 193 -8.54 4.53 20.21
N ALA A 194 -8.44 4.21 21.50
CA ALA A 194 -9.60 4.24 22.38
C ALA A 194 -10.20 5.63 22.49
N GLN A 195 -9.37 6.67 22.45
CA GLN A 195 -9.83 8.05 22.51
C GLN A 195 -10.79 8.35 21.37
N GLN A 196 -10.65 7.68 20.25
CA GLN A 196 -11.41 8.07 19.06
C GLN A 196 -12.87 7.65 19.14
N LYS A 197 -13.21 6.67 19.99
N LYS A 197 -13.21 6.68 19.98
N LYS A 197 -13.21 6.67 19.99
CA LYS A 197 -14.59 6.21 20.05
CA LYS A 197 -14.60 6.22 20.04
CA LYS A 197 -14.60 6.21 20.04
C LYS A 197 -15.54 7.33 20.44
C LYS A 197 -15.54 7.33 20.44
C LYS A 197 -15.55 7.32 20.45
N SER A 198 -15.13 8.16 21.39
CA SER A 198 -15.94 9.25 21.90
C SER A 198 -15.66 10.58 21.22
N ASN A 199 -14.78 10.58 20.20
CA ASN A 199 -14.52 11.78 19.41
C ASN A 199 -15.63 11.88 18.38
N LYS A 200 -16.53 12.85 18.57
CA LYS A 200 -17.68 12.98 17.69
C LYS A 200 -17.28 13.42 16.28
N GLY A 201 -16.02 13.79 16.06
CA GLY A 201 -15.51 14.03 14.74
C GLY A 201 -14.90 12.84 14.06
N VAL A 202 -15.08 11.64 14.60
CA VAL A 202 -14.56 10.41 14.00
C VAL A 202 -15.74 9.45 13.82
N MET A 203 -15.97 9.02 12.59
CA MET A 203 -17.04 8.09 12.24
C MET A 203 -16.44 6.77 11.76
N GLN A 204 -16.83 5.66 12.38
CA GLN A 204 -16.49 4.32 11.90
C GLN A 204 -17.41 3.96 10.74
N THR A 205 -16.81 3.46 9.65
CA THR A 205 -17.58 3.02 8.50
C THR A 205 -16.77 1.99 7.72
N SER A 206 -17.49 1.07 7.08
N SER A 206 -17.50 1.07 7.10
CA SER A 206 -16.88 0.12 6.18
CA SER A 206 -16.89 0.11 6.19
C SER A 206 -16.78 0.64 4.75
C SER A 206 -16.61 0.72 4.83
N ASN A 207 -17.22 1.88 4.51
CA ASN A 207 -17.12 2.47 3.17
C ASN A 207 -17.01 3.99 3.34
N ALA A 208 -15.77 4.44 3.52
CA ALA A 208 -15.54 5.86 3.71
C ALA A 208 -15.91 6.68 2.47
N LEU A 209 -15.76 6.12 1.27
CA LEU A 209 -16.13 6.84 0.06
C LEU A 209 -17.60 7.20 0.06
N ASN A 210 -18.46 6.28 0.49
N ASN A 210 -18.46 6.28 0.49
CA ASN A 210 -19.88 6.57 0.52
CA ASN A 210 -19.89 6.58 0.51
C ASN A 210 -20.20 7.69 1.49
C ASN A 210 -20.20 7.69 1.49
N GLN A 211 -19.43 7.82 2.58
CA GLN A 211 -19.66 8.90 3.53
C GLN A 211 -19.24 10.23 2.93
N LEU A 212 -18.21 10.21 2.11
N LEU A 212 -18.22 10.23 2.06
CA LEU A 212 -17.82 11.42 1.39
CA LEU A 212 -17.93 11.45 1.29
C LEU A 212 -18.86 11.77 0.35
C LEU A 212 -19.09 11.76 0.34
N LYS A 213 -19.45 10.79 -0.31
N LYS A 213 -19.51 10.79 -0.46
CA LYS A 213 -20.47 11.09 -1.32
CA LYS A 213 -20.60 11.01 -1.40
C LYS A 213 -21.73 11.66 -0.69
C LYS A 213 -21.78 11.66 -0.70
N SER A 214 -22.15 11.12 0.46
CA SER A 214 -23.36 11.56 1.12
C SER A 214 -23.19 12.88 1.84
N GLY A 215 -21.96 13.35 1.98
CA GLY A 215 -21.67 14.55 2.72
C GLY A 215 -21.57 14.37 4.22
N LYS A 216 -21.69 13.13 4.71
CA LYS A 216 -21.60 12.93 6.14
C LYS A 216 -20.17 13.13 6.63
N ALA A 217 -19.18 12.83 5.79
CA ALA A 217 -17.78 13.06 6.14
C ALA A 217 -17.26 14.30 5.45
N ALA A 218 -16.48 15.08 6.18
CA ALA A 218 -15.68 16.16 5.66
C ALA A 218 -14.31 15.71 5.17
N ALA A 219 -13.82 14.57 5.65
CA ALA A 219 -12.49 14.08 5.33
C ALA A 219 -12.47 12.56 5.47
N ILE A 220 -11.54 11.94 4.74
CA ILE A 220 -11.24 10.52 4.87
C ILE A 220 -9.73 10.35 4.76
N LEU A 221 -9.23 9.21 5.24
CA LEU A 221 -7.88 8.74 4.95
C LEU A 221 -8.00 7.72 3.82
N ASP A 222 -7.19 7.83 2.78
CA ASP A 222 -7.27 6.85 1.70
C ASP A 222 -5.99 6.87 0.90
N GLY A 223 -5.87 5.87 0.03
CA GLY A 223 -4.70 5.75 -0.83
C GLY A 223 -4.98 6.20 -2.24
N PRO A 224 -3.89 6.30 -3.03
CA PRO A 224 -4.00 6.94 -4.35
C PRO A 224 -4.75 6.08 -5.36
N TRP A 225 -4.92 4.79 -5.08
CA TRP A 225 -5.75 3.95 -5.92
C TRP A 225 -7.18 4.49 -6.04
N ASN A 226 -7.70 5.23 -5.03
CA ASN A 226 -9.07 5.75 -5.05
C ASN A 226 -9.13 7.24 -5.41
N SER A 227 -8.00 7.81 -5.78
CA SER A 227 -7.94 9.24 -6.04
C SER A 227 -8.87 9.69 -7.16
N ALA A 228 -8.98 8.92 -8.25
CA ALA A 228 -9.85 9.37 -9.33
C ALA A 228 -11.29 9.45 -8.87
N ASN A 229 -11.73 8.48 -8.08
N ASN A 229 -11.74 8.45 -8.11
CA ASN A 229 -13.11 8.48 -7.61
CA ASN A 229 -13.10 8.47 -7.60
C ASN A 229 -13.35 9.62 -6.64
C ASN A 229 -13.31 9.66 -6.68
N ILE A 230 -12.35 9.89 -5.78
CA ILE A 230 -12.49 10.99 -4.83
C ILE A 230 -12.54 12.33 -5.54
N LYS A 231 -11.73 12.51 -6.57
CA LYS A 231 -11.80 13.74 -7.38
C LYS A 231 -13.18 13.94 -7.97
N LYS A 232 -13.80 12.87 -8.46
N LYS A 232 -13.82 12.87 -8.44
CA LYS A 232 -15.15 13.00 -9.02
CA LYS A 232 -15.14 13.01 -9.01
C LYS A 232 -16.17 13.31 -7.93
C LYS A 232 -16.19 13.28 -7.95
N ILE A 233 -16.07 12.65 -6.78
CA ILE A 233 -17.04 12.86 -5.71
C ILE A 233 -16.96 14.29 -5.21
N LEU A 234 -15.73 14.77 -4.95
CA LEU A 234 -15.56 16.07 -4.33
C LEU A 234 -15.60 17.24 -5.31
N GLY A 235 -15.27 17.02 -6.58
CA GLY A 235 -15.39 18.10 -7.56
C GLY A 235 -14.57 19.33 -7.19
N LYS A 236 -15.24 20.49 -7.20
CA LYS A 236 -14.59 21.76 -6.88
C LYS A 236 -14.01 21.77 -5.47
N ASN A 237 -14.52 20.91 -4.59
CA ASN A 237 -14.10 20.90 -3.19
C ASN A 237 -12.92 19.96 -2.93
N PHE A 238 -12.39 19.30 -3.95
CA PHE A 238 -11.31 18.34 -3.74
C PHE A 238 -10.08 19.02 -3.15
N ALA A 239 -9.51 18.39 -2.14
CA ALA A 239 -8.21 18.76 -1.59
C ALA A 239 -7.58 17.52 -0.97
N VAL A 240 -6.26 17.55 -0.89
CA VAL A 240 -5.47 16.45 -0.35
C VAL A 240 -4.32 17.02 0.47
N ALA A 241 -3.91 16.30 1.52
CA ALA A 241 -2.80 16.71 2.35
C ALA A 241 -2.14 15.47 2.94
N PRO A 242 -0.88 15.58 3.38
CA PRO A 242 -0.31 14.51 4.21
C PRO A 242 -1.15 14.31 5.47
N TYR A 243 -0.98 13.15 6.10
CA TYR A 243 -1.54 12.91 7.42
C TYR A 243 -1.14 14.02 8.39
N PRO A 244 -1.98 14.23 9.41
CA PRO A 244 -1.70 15.28 10.42
C PRO A 244 -0.71 14.77 11.47
N THR A 245 -0.37 15.66 12.41
CA THR A 245 0.19 15.21 13.67
C THR A 245 -0.92 14.72 14.59
N ILE A 246 -0.52 13.84 15.53
CA ILE A 246 -1.35 13.35 16.62
C ILE A 246 -0.61 13.59 17.94
N LYS A 247 -1.37 13.57 19.02
CA LYS A 247 -0.83 13.78 20.35
C LYS A 247 -0.60 12.44 21.04
N LEU A 248 0.67 12.16 21.33
CA LEU A 248 1.10 11.00 22.09
C LEU A 248 2.18 11.46 23.07
N ASP A 249 2.13 10.98 24.31
CA ASP A 249 3.18 11.23 25.28
C ASP A 249 3.41 12.72 25.51
N GLY A 250 2.37 13.54 25.39
CA GLY A 250 2.51 14.97 25.60
C GLY A 250 3.17 15.74 24.48
N LYS A 251 3.36 15.11 23.33
CA LYS A 251 4.00 15.76 22.20
C LYS A 251 3.11 15.63 20.98
N ASP A 252 3.39 16.44 19.98
CA ASP A 252 2.79 16.33 18.67
C ASP A 252 3.75 15.53 17.81
N VAL A 253 3.27 14.43 17.25
N VAL A 253 3.26 14.45 17.24
CA VAL A 253 4.11 13.60 16.41
CA VAL A 253 4.10 13.59 16.43
C VAL A 253 3.40 13.34 15.11
C VAL A 253 3.39 13.30 15.12
N GLN A 254 4.15 13.27 14.03
CA GLN A 254 3.58 12.93 12.74
C GLN A 254 2.88 11.57 12.82
N MET A 255 1.61 11.54 12.38
CA MET A 255 0.90 10.28 12.24
C MET A 255 1.42 9.58 10.99
N GLN A 256 1.91 8.35 11.14
CA GLN A 256 2.44 7.61 10.01
C GLN A 256 1.34 6.89 9.25
N ALA A 257 1.66 6.60 7.98
CA ALA A 257 1.00 5.57 7.18
C ALA A 257 2.01 4.46 6.90
N PHE A 258 1.53 3.32 6.42
CA PHE A 258 2.44 2.39 5.75
C PHE A 258 2.86 2.96 4.40
N LEU A 259 4.07 2.64 3.99
CA LEU A 259 4.52 2.83 2.62
C LEU A 259 4.47 1.46 1.95
N GLY A 260 3.60 1.32 0.97
CA GLY A 260 3.50 0.10 0.19
C GLY A 260 4.06 0.32 -1.19
N ILE A 261 4.62 -0.76 -1.76
CA ILE A 261 5.08 -0.76 -3.13
C ILE A 261 4.20 -1.75 -3.88
N GLU A 262 3.52 -1.27 -4.91
CA GLU A 262 2.69 -2.11 -5.77
C GLU A 262 3.59 -2.69 -6.85
N THR A 263 3.40 -3.98 -7.14
CA THR A 263 4.33 -4.70 -8.00
C THR A 263 3.56 -5.64 -8.92
N PHE A 264 4.26 -6.13 -9.95
CA PHE A 264 3.87 -7.33 -10.67
C PHE A 264 4.90 -8.42 -10.43
N ALA A 265 4.43 -9.64 -10.22
CA ALA A 265 5.29 -10.80 -10.08
C ALA A 265 4.95 -11.83 -11.15
N VAL A 266 5.95 -12.66 -11.45
CA VAL A 266 5.79 -13.79 -12.36
C VAL A 266 5.50 -15.06 -11.55
N ASN A 267 4.44 -15.75 -11.93
CA ASN A 267 4.04 -17.01 -11.29
C ASN A 267 4.99 -18.12 -11.71
N SER A 268 5.77 -18.65 -10.76
CA SER A 268 6.75 -19.68 -11.10
C SER A 268 6.12 -21.01 -11.49
N HIS A 269 4.83 -21.20 -11.25
CA HIS A 269 4.10 -22.41 -11.58
C HIS A 269 3.30 -22.31 -12.87
N ALA A 270 3.36 -21.18 -13.56
CA ALA A 270 2.67 -21.07 -14.84
C ALA A 270 3.47 -21.79 -15.92
N SER A 271 2.85 -21.98 -17.08
CA SER A 271 3.42 -22.86 -18.09
C SER A 271 4.85 -22.48 -18.45
N GLY A 272 5.72 -23.50 -18.48
CA GLY A 272 7.14 -23.25 -18.66
C GLY A 272 7.45 -22.54 -19.96
N SER A 273 6.77 -22.92 -21.06
CA SER A 273 7.09 -22.34 -22.36
C SER A 273 6.78 -20.86 -22.41
N ASN A 274 5.98 -20.36 -21.47
CA ASN A 274 5.57 -18.96 -21.43
C ASN A 274 6.31 -18.13 -20.40
N GLN A 275 7.25 -18.72 -19.67
CA GLN A 275 7.92 -17.98 -18.59
C GLN A 275 8.77 -16.83 -19.12
N LYS A 276 9.46 -17.01 -20.25
N LYS A 276 9.46 -17.01 -20.25
CA LYS A 276 10.24 -15.91 -20.80
CA LYS A 276 10.24 -15.90 -20.81
C LYS A 276 9.34 -14.76 -21.24
C LYS A 276 9.32 -14.76 -21.21
N ALA A 277 8.23 -15.09 -21.91
CA ALA A 277 7.25 -14.08 -22.29
C ALA A 277 6.68 -13.37 -21.06
N ALA A 278 6.41 -14.12 -19.99
CA ALA A 278 5.84 -13.54 -18.78
C ALA A 278 6.78 -12.49 -18.18
N ALA A 279 8.06 -12.82 -18.05
CA ALA A 279 9.02 -11.87 -17.49
C ALA A 279 9.16 -10.66 -18.39
N THR A 280 9.11 -10.86 -19.71
CA THR A 280 9.20 -9.75 -20.64
C THR A 280 8.02 -8.80 -20.46
N LEU A 281 6.82 -9.37 -20.30
CA LEU A 281 5.63 -8.57 -20.04
C LEU A 281 5.75 -7.79 -18.72
N ALA A 282 6.18 -8.48 -17.66
CA ALA A 282 6.28 -7.83 -16.36
C ALA A 282 7.22 -6.64 -16.40
N SER A 283 8.35 -6.80 -17.09
N SER A 283 8.36 -6.78 -17.09
CA SER A 283 9.29 -5.69 -17.25
CA SER A 283 9.28 -5.65 -17.20
C SER A 283 8.66 -4.54 -18.02
C SER A 283 8.65 -4.52 -18.01
N PHE A 284 7.94 -4.85 -19.09
CA PHE A 284 7.38 -3.78 -19.93
C PHE A 284 6.29 -3.01 -19.20
N ILE A 285 5.35 -3.71 -18.57
CA ILE A 285 4.20 -3.03 -17.97
C ILE A 285 4.58 -2.23 -16.73
N THR A 286 5.81 -2.39 -16.26
CA THR A 286 6.36 -1.63 -15.16
C THR A 286 7.45 -0.64 -15.62
N ASN A 287 7.58 -0.43 -16.92
CA ASN A 287 8.55 0.54 -17.44
C ASN A 287 8.03 1.96 -17.29
N LYS A 288 8.87 2.93 -17.65
CA LYS A 288 8.55 4.34 -17.40
C LYS A 288 7.28 4.76 -18.15
N GLU A 289 7.20 4.44 -19.44
CA GLU A 289 6.03 4.84 -20.23
C GLU A 289 4.77 4.26 -19.62
N SER A 290 4.81 2.99 -19.22
CA SER A 290 3.65 2.32 -18.66
C SER A 290 3.26 2.90 -17.31
N GLN A 291 4.24 3.20 -16.46
CA GLN A 291 3.94 3.84 -15.19
C GLN A 291 3.26 5.18 -15.39
N LEU A 292 3.67 5.93 -16.42
CA LEU A 292 3.03 7.22 -16.66
C LEU A 292 1.62 7.07 -17.23
N ILE A 293 1.34 6.03 -18.01
CA ILE A 293 -0.03 5.74 -18.41
C ILE A 293 -0.89 5.41 -17.18
N VAL A 294 -0.37 4.60 -16.27
CA VAL A 294 -1.11 4.33 -15.03
C VAL A 294 -1.39 5.63 -14.29
N TYR A 295 -0.38 6.49 -14.15
CA TYR A 295 -0.57 7.79 -13.50
C TYR A 295 -1.66 8.59 -14.20
N ASP A 296 -1.62 8.66 -15.53
CA ASP A 296 -2.60 9.47 -16.26
C ASP A 296 -4.02 9.00 -16.01
N HIS A 297 -4.22 7.70 -15.80
CA HIS A 297 -5.57 7.15 -15.62
C HIS A 297 -6.01 7.13 -14.17
N SER A 298 -5.22 6.54 -13.29
CA SER A 298 -5.62 6.35 -11.90
C SER A 298 -5.05 7.38 -10.95
N GLY A 299 -4.01 8.11 -11.33
CA GLY A 299 -3.33 8.99 -10.42
C GLY A 299 -2.37 8.29 -9.48
N GLN A 300 -2.14 6.98 -9.62
CA GLN A 300 -1.14 6.33 -8.81
C GLN A 300 0.25 6.85 -9.16
N ILE A 301 1.15 6.74 -8.19
N ILE A 301 1.12 6.79 -8.16
CA ILE A 301 2.41 7.47 -8.18
CA ILE A 301 2.42 7.48 -8.18
C ILE A 301 3.53 6.57 -8.70
C ILE A 301 3.47 6.53 -8.76
N PRO A 302 4.15 6.91 -9.83
CA PRO A 302 5.26 6.09 -10.35
C PRO A 302 6.38 5.95 -9.33
N VAL A 303 7.06 4.80 -9.39
CA VAL A 303 8.36 4.63 -8.71
C VAL A 303 9.55 4.98 -9.60
N ASP A 304 9.34 5.15 -10.91
CA ASP A 304 10.45 5.49 -11.79
C ASP A 304 11.02 6.84 -11.35
N LYS A 305 12.36 6.91 -11.27
N LYS A 305 12.36 6.90 -11.26
CA LYS A 305 13.00 8.10 -10.70
CA LYS A 305 13.02 8.08 -10.72
C LYS A 305 12.70 9.34 -11.54
C LYS A 305 12.70 9.33 -11.54
N THR A 306 12.86 9.23 -12.86
CA THR A 306 12.64 10.37 -13.72
C THR A 306 11.17 10.76 -13.75
N ALA A 307 10.27 9.78 -13.73
CA ALA A 307 8.85 10.11 -13.69
C ALA A 307 8.51 10.93 -12.44
N GLN A 308 9.08 10.58 -11.28
CA GLN A 308 8.78 11.32 -10.07
C GLN A 308 9.24 12.78 -10.12
N LYS A 309 10.34 13.05 -10.85
N LYS A 309 10.34 13.05 -10.85
CA LYS A 309 10.83 14.41 -11.00
CA LYS A 309 10.83 14.41 -11.00
C LYS A 309 10.10 15.17 -12.09
C LYS A 309 10.14 15.18 -12.12
N SER A 310 9.41 14.47 -12.98
CA SER A 310 8.82 15.10 -14.16
C SER A 310 7.78 16.15 -13.77
N SER A 311 7.63 17.15 -14.64
CA SER A 311 6.77 18.27 -14.33
C SER A 311 5.36 17.85 -13.93
N LYS A 312 4.75 16.93 -14.69
CA LYS A 312 3.37 16.54 -14.41
C LYS A 312 3.24 15.93 -13.03
N VAL A 313 4.14 15.03 -12.68
CA VAL A 313 4.02 14.32 -11.41
C VAL A 313 4.42 15.20 -10.24
N ALA A 314 5.53 15.92 -10.39
CA ALA A 314 6.03 16.76 -9.31
C ALA A 314 5.02 17.82 -8.92
N SER A 315 4.21 18.29 -9.87
CA SER A 315 3.22 19.33 -9.61
C SER A 315 1.82 18.78 -9.29
N ASP A 316 1.63 17.49 -9.31
CA ASP A 316 0.32 16.92 -9.05
C ASP A 316 0.02 16.98 -7.54
N PRO A 317 -1.16 17.44 -7.15
CA PRO A 317 -1.46 17.48 -5.69
C PRO A 317 -1.38 16.13 -5.00
N VAL A 318 -2.03 15.09 -5.53
CA VAL A 318 -1.99 13.80 -4.85
C VAL A 318 -0.56 13.26 -4.81
N ALA A 319 0.15 13.32 -5.94
CA ALA A 319 1.51 12.79 -5.95
C ALA A 319 2.39 13.52 -4.94
N GLY A 320 2.21 14.83 -4.81
CA GLY A 320 3.01 15.59 -3.87
C GLY A 320 2.75 15.14 -2.44
N ALA A 321 1.48 14.94 -2.08
CA ALA A 321 1.16 14.49 -0.74
C ALA A 321 1.66 13.08 -0.48
N VAL A 322 1.52 12.19 -1.45
CA VAL A 322 1.99 10.81 -1.31
C VAL A 322 3.49 10.78 -1.20
N MET A 323 4.19 11.52 -2.07
N MET A 323 4.19 11.53 -2.06
CA MET A 323 5.65 11.54 -2.01
CA MET A 323 5.65 11.52 -2.02
C MET A 323 6.14 12.13 -0.70
C MET A 323 6.17 12.14 -0.72
N THR A 324 5.45 13.12 -0.15
CA THR A 324 5.80 13.61 1.18
C THR A 324 5.60 12.51 2.22
N MET A 325 4.46 11.82 2.16
CA MET A 325 4.20 10.73 3.12
C MET A 325 5.22 9.61 3.01
N ALA A 326 5.81 9.41 1.82
CA ALA A 326 6.77 8.34 1.62
C ALA A 326 8.09 8.60 2.33
N LYS A 327 8.34 9.81 2.81
CA LYS A 327 9.60 10.11 3.46
C LYS A 327 9.72 9.42 4.83
N PRO A 328 10.94 9.03 5.22
CA PRO A 328 11.15 8.49 6.56
C PRO A 328 10.60 9.40 7.64
N GLY A 329 9.95 8.78 8.62
CA GLY A 329 9.26 9.47 9.69
C GLY A 329 7.80 9.76 9.40
N ASN A 330 7.45 9.81 8.12
CA ASN A 330 6.05 9.97 7.76
C ASN A 330 5.40 8.64 7.41
N SER A 331 6.21 7.64 7.06
CA SER A 331 5.70 6.31 6.78
C SER A 331 6.81 5.31 7.02
N THR A 332 6.42 4.04 7.12
CA THR A 332 7.35 2.92 7.21
C THR A 332 6.98 1.92 6.12
N LEU A 333 7.98 1.46 5.38
CA LEU A 333 7.81 0.43 4.37
C LEU A 333 7.14 -0.79 4.99
N MET A 334 6.11 -1.32 4.35
CA MET A 334 5.51 -2.55 4.86
C MET A 334 6.55 -3.65 4.87
N PRO A 335 6.77 -4.34 6.00
CA PRO A 335 7.64 -5.52 5.99
C PRO A 335 7.05 -6.60 5.13
N LYS A 336 7.91 -7.56 4.76
CA LYS A 336 7.51 -8.66 3.88
C LYS A 336 7.86 -10.02 4.49
N MET A 337 8.05 -10.06 5.81
CA MET A 337 8.31 -11.28 6.55
C MET A 337 7.26 -12.33 6.21
N PRO A 338 7.60 -13.62 6.23
CA PRO A 338 6.58 -14.64 6.01
C PRO A 338 5.47 -14.57 7.06
N GLN A 339 5.76 -14.03 8.25
CA GLN A 339 4.78 -13.88 9.31
C GLN A 339 3.72 -12.81 9.01
N MET A 340 3.82 -12.09 7.90
CA MET A 340 2.92 -10.95 7.72
C MET A 340 1.45 -11.35 7.68
N ALA A 341 1.09 -12.53 7.15
CA ALA A 341 -0.34 -12.88 7.14
C ALA A 341 -0.88 -12.98 8.57
N THR A 342 -0.09 -13.60 9.46
CA THR A 342 -0.46 -13.69 10.87
C THR A 342 -0.52 -12.31 11.50
N PHE A 343 0.47 -11.46 11.20
CA PHE A 343 0.45 -10.08 11.65
C PHE A 343 -0.86 -9.39 11.28
N TRP A 344 -1.27 -9.44 10.01
CA TRP A 344 -2.48 -8.73 9.64
C TRP A 344 -3.70 -9.30 10.36
N ASN A 345 -3.75 -10.63 10.49
N ASN A 345 -3.76 -10.64 10.44
CA ASN A 345 -4.91 -11.26 11.08
CA ASN A 345 -4.90 -11.29 11.09
C ASN A 345 -5.02 -10.94 12.56
C ASN A 345 -5.02 -10.84 12.54
N ASP A 346 -3.90 -10.73 13.23
CA ASP A 346 -3.92 -10.46 14.65
C ASP A 346 -3.94 -8.96 14.96
N ALA A 347 -3.42 -8.12 14.06
CA ALA A 347 -3.34 -6.68 14.34
C ALA A 347 -4.71 -6.03 14.30
N ALA A 348 -5.57 -6.46 13.39
CA ALA A 348 -6.86 -5.79 13.26
C ALA A 348 -7.71 -5.90 14.51
N PRO A 349 -7.88 -7.08 15.13
CA PRO A 349 -8.68 -7.13 16.36
C PRO A 349 -8.02 -6.44 17.54
N LEU A 350 -6.69 -6.36 17.56
CA LEU A 350 -5.99 -5.64 18.61
C LEU A 350 -6.38 -4.16 18.57
N ILE A 351 -6.26 -3.55 17.39
CA ILE A 351 -6.58 -2.14 17.20
C ILE A 351 -8.06 -1.88 17.39
N ASN A 352 -8.89 -2.68 16.72
CA ASN A 352 -10.33 -2.45 16.81
C ASN A 352 -10.82 -2.67 18.23
N GLY A 353 -10.24 -3.64 18.93
CA GLY A 353 -10.62 -3.86 20.32
C GLY A 353 -10.33 -2.66 21.18
N ALA A 354 -9.18 -2.02 20.97
CA ALA A 354 -8.87 -0.81 21.70
C ALA A 354 -9.86 0.30 21.35
N TYR A 355 -10.11 0.51 20.05
CA TYR A 355 -11.03 1.55 19.60
C TYR A 355 -12.42 1.37 20.21
N THR A 356 -12.99 0.17 20.07
CA THR A 356 -14.39 -0.04 20.48
C THR A 356 -14.55 -0.06 21.99
N GLY A 357 -13.47 -0.24 22.73
CA GLY A 357 -13.54 -0.47 24.15
C GLY A 357 -13.70 -1.91 24.53
N SER A 358 -13.79 -2.81 23.55
N SER A 358 -13.77 -2.82 23.57
N SER A 358 -13.75 -2.82 23.59
CA SER A 358 -13.86 -4.26 23.81
CA SER A 358 -13.89 -4.24 23.92
CA SER A 358 -13.88 -4.22 23.96
C SER A 358 -12.66 -4.72 24.62
C SER A 358 -12.64 -4.75 24.63
C SER A 358 -12.63 -4.76 24.61
N ILE A 359 -11.48 -4.16 24.34
CA ILE A 359 -10.27 -4.37 25.12
C ILE A 359 -10.16 -3.16 26.05
N PRO A 360 -10.33 -3.33 27.36
CA PRO A 360 -10.18 -2.20 28.28
C PRO A 360 -8.71 -1.84 28.47
N ALA A 361 -8.47 -0.61 28.95
CA ALA A 361 -7.11 -0.16 29.18
C ALA A 361 -6.31 -1.08 30.10
N SER A 362 -6.96 -1.67 31.11
CA SER A 362 -6.26 -2.56 32.02
C SER A 362 -5.68 -3.77 31.33
N GLN A 363 -6.14 -4.08 30.11
CA GLN A 363 -5.68 -5.22 29.33
C GLN A 363 -4.69 -4.85 28.24
N TYR A 364 -4.40 -3.55 28.02
CA TYR A 364 -3.53 -3.24 26.89
C TYR A 364 -2.19 -3.95 26.96
N SER A 365 -1.51 -3.88 28.11
CA SER A 365 -0.17 -4.46 28.16
C SER A 365 -0.19 -5.97 27.97
N THR A 366 -1.24 -6.63 28.46
CA THR A 366 -1.40 -8.07 28.30
C THR A 366 -1.64 -8.42 26.82
N LYS A 367 -2.58 -7.73 26.20
CA LYS A 367 -2.91 -8.02 24.81
C LYS A 367 -1.74 -7.71 23.89
N LEU A 368 -0.97 -6.66 24.18
CA LEU A 368 0.21 -6.37 23.38
C LEU A 368 1.26 -7.44 23.53
N ASP A 369 1.43 -7.98 24.74
CA ASP A 369 2.40 -9.05 24.97
C ASP A 369 2.02 -10.30 24.19
N THR A 370 0.74 -10.69 24.27
CA THR A 370 0.27 -11.86 23.54
C THR A 370 0.42 -11.66 22.02
N PHE A 371 0.10 -10.46 21.54
CA PHE A 371 0.24 -10.13 20.13
C PHE A 371 1.68 -10.33 19.67
N VAL A 372 2.65 -9.77 20.40
CA VAL A 372 4.05 -9.93 20.02
C VAL A 372 4.43 -11.41 19.98
N LYS A 373 4.03 -12.19 20.98
CA LYS A 373 4.33 -13.62 20.95
C LYS A 373 3.73 -14.28 19.71
N ASN A 374 2.50 -13.90 19.36
CA ASN A 374 1.79 -14.56 18.27
C ASN A 374 2.38 -14.24 16.90
N ILE A 375 2.96 -13.05 16.71
CA ILE A 375 3.46 -12.63 15.41
C ILE A 375 4.95 -12.88 15.23
N SER A 376 5.62 -13.44 16.24
N SER A 376 5.63 -13.45 16.23
CA SER A 376 7.07 -13.56 16.27
CA SER A 376 7.07 -13.56 16.25
C SER A 376 7.55 -15.01 16.22
C SER A 376 7.55 -15.02 16.24
N LYS A 377 6.74 -15.91 15.67
CA LYS A 377 7.10 -17.33 15.64
C LYS A 377 7.92 -17.67 14.40
N ALA A 378 8.86 -18.59 14.58
CA ALA A 378 9.70 -19.09 13.50
C ALA A 378 8.98 -20.20 12.76
#